data_5C6E
#
_entry.id   5C6E
#
_cell.length_a   108.860
_cell.length_b   63.160
_cell.length_c   54.710
_cell.angle_alpha   90.00
_cell.angle_beta   110.75
_cell.angle_gamma   90.00
#
_symmetry.space_group_name_H-M   'C 1 2 1'
#
loop_
_entity.id
_entity.type
_entity.pdbx_description
1 polymer 'Hemoglobin subunit alpha'
2 polymer 'Hemoglobin subunit beta'
3 non-polymer 'PROTOPORPHYRIN IX CONTAINING FE'
4 non-polymer 'CYANIDE ION'
5 water water
#
loop_
_entity_poly.entity_id
_entity_poly.type
_entity_poly.pdbx_seq_one_letter_code
_entity_poly.pdbx_strand_id
1 'polypeptide(L)'
;VLSAADKTNVKAAWSKVGGHAGEYGAEALERMFLGFPTTKTYFPHFDLSHGSAQVKAHGKKVGDALTLAVGHLDDLPGAL
SNLSDLHAHKLRVDPVNFKLLSHCLLSTLAVHLPNDFTPAVHASLDKFLSSVSTVLTSKYR
;
A
2 'polypeptide(L)'
;VQLSGEEKAAVLALWDKVNEEEVGGEALGRLLVVYPWTQRFFDSFGDLSNPGAVMGNPKVKAHGKKVLHSFGEGVHHLDN
LKGTFAALSELHCDKLHVDPENFRLLGNVLVVVLARHFGKDFTPELQASYQKVVAGVANALAHKYH
;
B
#
# COMPACT_ATOMS: atom_id res chain seq x y z
N VAL A 1 13.37 -16.63 6.82
CA VAL A 1 11.96 -16.16 6.71
C VAL A 1 11.52 -15.89 5.26
N LEU A 2 12.42 -15.35 4.43
CA LEU A 2 12.13 -15.05 3.02
C LEU A 2 12.67 -16.15 2.11
N SER A 3 12.14 -16.27 0.90
CA SER A 3 12.64 -17.27 -0.03
C SER A 3 13.93 -16.73 -0.65
N ALA A 4 14.76 -17.61 -1.20
CA ALA A 4 16.01 -17.20 -1.79
C ALA A 4 15.71 -16.24 -2.93
N ALA A 5 14.60 -16.50 -3.60
CA ALA A 5 14.17 -15.68 -4.75
C ALA A 5 13.81 -14.28 -4.24
N ASP A 6 13.06 -14.24 -3.15
CA ASP A 6 12.69 -12.96 -2.55
C ASP A 6 13.94 -12.18 -2.11
N LYS A 7 14.89 -12.83 -1.45
CA LYS A 7 16.10 -12.15 -1.02
C LYS A 7 16.83 -11.50 -2.19
N THR A 8 16.81 -12.16 -3.33
CA THR A 8 17.51 -11.64 -4.50
C THR A 8 16.85 -10.38 -5.04
N ASN A 9 15.53 -10.38 -5.07
CA ASN A 9 14.79 -9.23 -5.55
C ASN A 9 14.96 -8.06 -4.58
N VAL A 10 14.96 -8.36 -3.29
CA VAL A 10 15.07 -7.35 -2.25
C VAL A 10 16.43 -6.63 -2.25
N LYS A 11 17.51 -7.40 -2.32
CA LYS A 11 18.83 -6.80 -2.39
C LYS A 11 18.99 -6.02 -3.70
N ALA A 12 18.42 -6.54 -4.78
CA ALA A 12 18.51 -5.88 -6.06
C ALA A 12 17.74 -4.57 -6.04
N ALA A 13 16.51 -4.60 -5.54
CA ALA A 13 15.70 -3.39 -5.50
C ALA A 13 16.34 -2.30 -4.62
N TRP A 14 16.86 -2.70 -3.48
CA TRP A 14 17.49 -1.77 -2.57
C TRP A 14 18.78 -1.18 -3.15
N SER A 15 19.40 -1.87 -4.09
CA SER A 15 20.63 -1.35 -4.70
C SER A 15 20.26 -0.18 -5.62
N LYS A 16 19.03 -0.17 -6.11
CA LYS A 16 18.55 0.91 -6.99
C LYS A 16 18.09 2.12 -6.17
N VAL A 17 17.69 1.87 -4.93
CA VAL A 17 17.28 2.93 -4.02
C VAL A 17 18.58 3.64 -3.65
N GLY A 18 19.62 2.84 -3.42
CA GLY A 18 20.95 3.36 -3.13
C GLY A 18 21.02 4.38 -2.03
N GLY A 19 21.47 5.58 -2.40
CA GLY A 19 21.65 6.65 -1.43
C GLY A 19 20.44 7.54 -1.18
N HIS A 20 19.28 7.10 -1.64
CA HIS A 20 18.04 7.86 -1.44
C HIS A 20 17.21 7.27 -0.30
N ALA A 21 17.70 6.21 0.33
CA ALA A 21 17.00 5.58 1.44
C ALA A 21 16.52 6.56 2.52
N GLY A 22 17.35 7.54 2.89
CA GLY A 22 16.97 8.52 3.89
C GLY A 22 15.83 9.40 3.42
N GLU A 23 15.93 9.88 2.19
CA GLU A 23 14.91 10.71 1.59
C GLU A 23 13.58 9.97 1.48
N TYR A 24 13.61 8.71 1.05
CA TYR A 24 12.39 7.91 0.92
C TYR A 24 11.80 7.62 2.29
N GLY A 25 12.66 7.45 3.29
CA GLY A 25 12.21 7.23 4.65
C GLY A 25 11.45 8.45 5.18
N ALA A 26 11.97 9.65 4.93
CA ALA A 26 11.31 10.87 5.35
C ALA A 26 9.99 11.09 4.61
N GLU A 27 9.98 10.82 3.32
CA GLU A 27 8.76 10.99 2.51
C GLU A 27 7.65 10.01 2.93
N ALA A 28 8.04 8.76 3.18
CA ALA A 28 7.11 7.71 3.63
C ALA A 28 6.45 8.10 4.95
N LEU A 29 7.23 8.71 5.85
CA LEU A 29 6.72 9.15 7.15
C LEU A 29 5.68 10.25 6.96
N GLU A 30 5.97 11.18 6.04
CA GLU A 30 5.07 12.31 5.76
C GLU A 30 3.76 11.80 5.21
N ARG A 31 3.83 10.89 4.24
CA ARG A 31 2.64 10.30 3.63
C ARG A 31 1.82 9.58 4.72
N MET A 32 2.50 8.98 5.71
CA MET A 32 1.83 8.25 6.79
C MET A 32 1.12 9.21 7.74
N PHE A 33 1.82 10.26 8.14
CA PHE A 33 1.24 11.26 9.07
C PHE A 33 0.00 11.94 8.50
N LEU A 34 0.03 12.21 7.19
CA LEU A 34 -1.10 12.88 6.51
C LEU A 34 -2.24 11.92 6.20
N GLY A 35 -1.90 10.73 5.71
CA GLY A 35 -2.91 9.77 5.34
C GLY A 35 -3.50 8.99 6.50
N PHE A 36 -2.72 8.81 7.56
CA PHE A 36 -3.17 8.08 8.73
C PHE A 36 -2.83 8.91 10.00
N PRO A 37 -3.59 10.01 10.26
CA PRO A 37 -3.38 10.94 11.37
C PRO A 37 -3.19 10.35 12.76
N THR A 38 -3.80 9.21 13.04
CA THR A 38 -3.65 8.58 14.36
C THR A 38 -2.19 8.27 14.72
N THR A 39 -1.36 8.01 13.71
CA THR A 39 0.06 7.68 13.93
C THR A 39 0.90 8.86 14.47
N LYS A 40 0.40 10.09 14.34
CA LYS A 40 1.11 11.27 14.81
C LYS A 40 1.24 11.31 16.34
N THR A 41 0.39 10.53 17.03
CA THR A 41 0.38 10.53 18.49
C THR A 41 1.64 9.97 19.09
N TYR A 42 2.42 9.28 18.28
CA TYR A 42 3.67 8.70 18.73
C TYR A 42 4.82 9.70 18.65
N PHE A 43 4.59 10.83 17.98
CA PHE A 43 5.64 11.84 17.83
C PHE A 43 5.23 13.23 18.33
N PRO A 44 4.81 13.32 19.61
CA PRO A 44 4.38 14.60 20.16
C PRO A 44 5.50 15.62 20.28
N HIS A 45 6.73 15.11 20.32
CA HIS A 45 7.92 15.97 20.48
C HIS A 45 8.55 16.36 19.16
N PHE A 46 7.86 16.06 18.07
CA PHE A 46 8.36 16.38 16.75
C PHE A 46 7.56 17.51 16.11
N ASP A 47 8.25 18.28 15.29
CA ASP A 47 7.62 19.31 14.47
C ASP A 47 7.30 18.52 13.19
N LEU A 48 6.03 18.23 12.94
CA LEU A 48 5.63 17.40 11.80
C LEU A 48 5.24 18.14 10.52
N SER A 49 5.80 19.32 10.30
CA SER A 49 5.47 20.09 9.08
C SER A 49 6.35 19.66 7.90
N HIS A 50 5.88 19.86 6.67
CA HIS A 50 6.68 19.47 5.52
C HIS A 50 8.02 20.21 5.54
N GLY A 51 9.08 19.45 5.33
CA GLY A 51 10.41 20.02 5.31
C GLY A 51 11.02 20.04 6.69
N SER A 52 10.32 19.47 7.67
CA SER A 52 10.83 19.46 9.03
C SER A 52 12.17 18.76 9.12
N ALA A 53 13.15 19.48 9.62
CA ALA A 53 14.49 18.95 9.83
C ALA A 53 14.45 17.67 10.68
N GLN A 54 13.53 17.62 11.64
CA GLN A 54 13.38 16.46 12.51
C GLN A 54 12.94 15.22 11.77
N VAL A 55 11.88 15.32 10.97
CA VAL A 55 11.44 14.13 10.26
C VAL A 55 12.44 13.73 9.18
N LYS A 56 13.22 14.71 8.68
CA LYS A 56 14.26 14.40 7.70
C LYS A 56 15.34 13.60 8.42
N ALA A 57 15.78 14.10 9.59
CA ALA A 57 16.78 13.43 10.40
C ALA A 57 16.24 12.08 10.84
N HIS A 58 14.94 12.01 11.08
CA HIS A 58 14.38 10.73 11.48
C HIS A 58 14.29 9.76 10.30
N GLY A 59 13.88 10.26 9.13
CA GLY A 59 13.78 9.41 7.96
C GLY A 59 15.13 8.80 7.59
N LYS A 60 16.20 9.47 7.97
CA LYS A 60 17.54 8.99 7.70
C LYS A 60 17.79 7.75 8.55
N LYS A 61 17.36 7.78 9.82
CA LYS A 61 17.56 6.64 10.71
C LYS A 61 16.73 5.45 10.25
N VAL A 62 15.48 5.71 9.86
CA VAL A 62 14.59 4.65 9.34
C VAL A 62 15.22 4.02 8.07
N GLY A 63 15.63 4.86 7.13
CA GLY A 63 16.28 4.39 5.91
C GLY A 63 17.52 3.56 6.23
N ASP A 64 18.33 4.03 7.17
CA ASP A 64 19.54 3.31 7.55
C ASP A 64 19.23 1.95 8.22
N ALA A 65 18.14 1.85 9.00
CA ALA A 65 17.79 0.58 9.64
C ALA A 65 17.35 -0.45 8.61
N LEU A 66 16.70 0.01 7.54
CA LEU A 66 16.25 -0.86 6.44
C LEU A 66 17.40 -1.35 5.55
N THR A 67 18.42 -0.52 5.40
CA THR A 67 19.60 -0.89 4.64
C THR A 67 20.31 -1.95 5.48
N LEU A 68 20.40 -1.73 6.79
CA LEU A 68 20.99 -2.72 7.67
C LEU A 68 20.27 -4.08 7.54
N ALA A 69 18.94 -4.05 7.56
CA ALA A 69 18.12 -5.26 7.46
C ALA A 69 18.34 -6.02 6.15
N VAL A 70 18.51 -5.29 5.05
CA VAL A 70 18.74 -5.91 3.75
C VAL A 70 20.09 -6.61 3.75
N GLY A 71 21.08 -6.07 4.44
CA GLY A 71 22.38 -6.71 4.48
C GLY A 71 22.42 -7.83 5.50
N HIS A 72 21.27 -8.11 6.11
CA HIS A 72 21.17 -9.18 7.13
C HIS A 72 19.84 -9.94 7.07
N LEU A 73 19.39 -10.27 5.86
CA LEU A 73 18.13 -10.97 5.68
C LEU A 73 18.11 -12.37 6.26
N ASP A 74 19.27 -12.86 6.69
CA ASP A 74 19.36 -14.22 7.22
C ASP A 74 19.25 -14.26 8.74
N ASP A 75 19.30 -13.09 9.34
CA ASP A 75 19.23 -12.98 10.78
C ASP A 75 18.69 -11.61 11.15
N LEU A 76 17.40 -11.40 10.92
CA LEU A 76 16.79 -10.13 11.25
C LEU A 76 16.58 -9.93 12.76
N PRO A 77 16.08 -10.94 13.48
CA PRO A 77 15.83 -10.83 14.93
C PRO A 77 17.08 -10.35 15.67
N GLY A 78 18.24 -10.82 15.21
CA GLY A 78 19.48 -10.43 15.82
C GLY A 78 19.89 -9.00 15.47
N ALA A 79 19.89 -8.71 14.18
CA ALA A 79 20.27 -7.39 13.70
C ALA A 79 19.33 -6.29 14.15
N LEU A 80 18.06 -6.64 14.37
CA LEU A 80 17.06 -5.66 14.77
C LEU A 80 16.62 -5.82 16.24
N SER A 81 17.39 -6.59 17.01
CA SER A 81 17.09 -6.84 18.42
C SER A 81 16.76 -5.59 19.24
N ASN A 82 17.57 -4.54 19.11
CA ASN A 82 17.35 -3.32 19.88
C ASN A 82 16.15 -2.51 19.41
N LEU A 83 15.85 -2.54 18.11
CA LEU A 83 14.70 -1.79 17.61
C LEU A 83 13.42 -2.45 18.09
N SER A 84 13.45 -3.77 18.22
CA SER A 84 12.29 -4.50 18.71
C SER A 84 12.02 -4.18 20.18
N ASP A 85 13.07 -3.91 20.96
CA ASP A 85 12.90 -3.55 22.37
C ASP A 85 12.29 -2.17 22.42
N LEU A 86 12.85 -1.27 21.63
CA LEU A 86 12.38 0.11 21.58
C LEU A 86 10.90 0.21 21.18
N HIS A 87 10.52 -0.46 20.10
CA HIS A 87 9.14 -0.38 19.61
C HIS A 87 8.08 -1.12 20.42
N ALA A 88 8.38 -2.34 20.85
CA ALA A 88 7.38 -3.10 21.61
C ALA A 88 7.39 -2.87 23.12
N HIS A 89 8.58 -2.75 23.70
CA HIS A 89 8.70 -2.57 25.15
C HIS A 89 8.51 -1.14 25.60
N LYS A 90 9.33 -0.24 25.06
CA LYS A 90 9.25 1.16 25.48
C LYS A 90 8.12 2.00 24.91
N LEU A 91 7.95 1.98 23.59
CA LEU A 91 6.94 2.79 22.94
C LEU A 91 5.57 2.11 22.86
N ARG A 92 5.56 0.78 22.87
CA ARG A 92 4.31 0.01 22.77
C ARG A 92 3.55 0.40 21.51
N VAL A 93 4.22 0.34 20.36
CA VAL A 93 3.57 0.68 19.10
C VAL A 93 2.53 -0.37 18.71
N ASP A 94 1.34 0.11 18.35
CA ASP A 94 0.24 -0.76 17.94
C ASP A 94 0.68 -1.47 16.67
N PRO A 95 0.56 -2.82 16.63
CA PRO A 95 1.00 -3.53 15.42
C PRO A 95 0.39 -3.03 14.11
N VAL A 96 -0.83 -2.51 14.17
CA VAL A 96 -1.49 -2.03 12.97
C VAL A 96 -0.70 -0.94 12.27
N ASN A 97 0.04 -0.16 13.06
CA ASN A 97 0.82 0.93 12.50
C ASN A 97 1.96 0.49 11.60
N PHE A 98 2.50 -0.70 11.83
CA PHE A 98 3.58 -1.20 10.98
C PHE A 98 3.08 -1.46 9.54
N LYS A 99 1.81 -1.83 9.41
CA LYS A 99 1.25 -2.05 8.10
C LYS A 99 1.04 -0.73 7.37
N LEU A 100 0.74 0.34 8.12
CA LEU A 100 0.51 1.65 7.51
C LEU A 100 1.81 2.25 6.98
N LEU A 101 2.88 2.15 7.75
CA LEU A 101 4.17 2.67 7.31
C LEU A 101 4.69 1.84 6.14
N SER A 102 4.46 0.53 6.15
CA SER A 102 4.90 -0.33 5.05
C SER A 102 4.22 0.07 3.74
N HIS A 103 2.91 0.29 3.79
CA HIS A 103 2.17 0.73 2.63
C HIS A 103 2.70 2.07 2.09
N CYS A 104 3.08 2.98 2.98
CA CYS A 104 3.59 4.31 2.58
C CYS A 104 5.01 4.23 2.03
N LEU A 105 5.77 3.21 2.47
CA LEU A 105 7.11 2.99 1.98
C LEU A 105 7.01 2.46 0.54
N LEU A 106 6.10 1.52 0.31
CA LEU A 106 5.88 0.99 -1.04
C LEU A 106 5.37 2.09 -1.99
N SER A 107 4.47 2.95 -1.50
CA SER A 107 3.92 4.06 -2.27
C SER A 107 5.02 5.02 -2.74
N THR A 108 5.98 5.27 -1.84
CA THR A 108 7.11 6.17 -2.08
C THR A 108 8.06 5.58 -3.11
N LEU A 109 8.30 4.29 -2.99
CA LEU A 109 9.17 3.58 -3.91
C LEU A 109 8.57 3.55 -5.32
N ALA A 110 7.25 3.44 -5.40
CA ALA A 110 6.54 3.40 -6.66
C ALA A 110 6.61 4.75 -7.38
N VAL A 111 6.66 5.83 -6.61
CA VAL A 111 6.71 7.18 -7.16
C VAL A 111 8.08 7.43 -7.79
N HIS A 112 9.10 7.06 -7.03
CA HIS A 112 10.51 7.30 -7.39
C HIS A 112 11.20 6.32 -8.35
N LEU A 113 10.80 5.05 -8.29
CA LEU A 113 11.36 3.98 -9.11
C LEU A 113 10.26 3.21 -9.85
N PRO A 114 9.48 3.90 -10.69
CA PRO A 114 8.38 3.28 -11.44
C PRO A 114 8.74 2.08 -12.31
N ASN A 115 9.89 2.12 -12.98
CA ASN A 115 10.28 1.03 -13.87
C ASN A 115 10.85 -0.17 -13.13
N ASP A 116 11.42 0.09 -11.97
CA ASP A 116 12.01 -0.94 -11.14
C ASP A 116 10.95 -1.57 -10.27
N PHE A 117 9.87 -0.82 -10.01
CA PHE A 117 8.79 -1.33 -9.15
C PHE A 117 7.85 -2.29 -9.88
N THR A 118 8.37 -3.43 -10.33
CA THR A 118 7.59 -4.43 -11.04
C THR A 118 6.74 -5.28 -10.08
N PRO A 119 5.75 -6.01 -10.62
CA PRO A 119 4.90 -6.83 -9.77
C PRO A 119 5.69 -7.82 -8.90
N ALA A 120 6.70 -8.46 -9.48
CA ALA A 120 7.53 -9.41 -8.74
C ALA A 120 8.34 -8.75 -7.61
N VAL A 121 8.93 -7.59 -7.87
CA VAL A 121 9.70 -6.86 -6.87
C VAL A 121 8.76 -6.34 -5.76
N HIS A 122 7.60 -5.85 -6.16
CA HIS A 122 6.58 -5.35 -5.23
C HIS A 122 6.23 -6.46 -4.23
N ALA A 123 6.00 -7.67 -4.73
CA ALA A 123 5.66 -8.79 -3.87
C ALA A 123 6.79 -9.16 -2.91
N SER A 124 8.02 -9.05 -3.37
CA SER A 124 9.15 -9.39 -2.49
C SER A 124 9.35 -8.35 -1.41
N LEU A 125 9.23 -7.08 -1.76
CA LEU A 125 9.41 -5.97 -0.80
C LEU A 125 8.29 -5.99 0.24
N ASP A 126 7.14 -6.48 -0.16
CA ASP A 126 5.99 -6.59 0.75
C ASP A 126 6.33 -7.66 1.79
N LYS A 127 6.89 -8.77 1.34
CA LYS A 127 7.27 -9.85 2.27
C LYS A 127 8.41 -9.39 3.20
N PHE A 128 9.33 -8.60 2.66
CA PHE A 128 10.47 -8.04 3.39
C PHE A 128 10.00 -7.11 4.53
N LEU A 129 9.11 -6.17 4.21
CA LEU A 129 8.57 -5.24 5.18
C LEU A 129 7.69 -5.96 6.19
N SER A 130 7.05 -7.03 5.76
CA SER A 130 6.23 -7.84 6.66
C SER A 130 7.13 -8.54 7.68
N SER A 131 8.28 -9.04 7.22
CA SER A 131 9.27 -9.70 8.09
C SER A 131 9.88 -8.76 9.13
N VAL A 132 10.29 -7.58 8.68
CA VAL A 132 10.86 -6.57 9.56
C VAL A 132 9.80 -6.19 10.60
N SER A 133 8.57 -5.99 10.14
CA SER A 133 7.47 -5.65 11.04
C SER A 133 7.26 -6.72 12.11
N THR A 134 7.33 -7.98 11.73
CA THR A 134 7.18 -9.09 12.67
C THR A 134 8.31 -9.07 13.72
N VAL A 135 9.54 -8.80 13.28
CA VAL A 135 10.67 -8.71 14.20
C VAL A 135 10.49 -7.57 15.20
N LEU A 136 10.00 -6.42 14.74
CA LEU A 136 9.81 -5.25 15.61
C LEU A 136 8.65 -5.34 16.59
N THR A 137 7.73 -6.26 16.36
CA THR A 137 6.59 -6.42 17.25
C THR A 137 6.73 -7.77 17.95
N SER A 138 7.90 -8.39 17.81
CA SER A 138 8.13 -9.71 18.41
C SER A 138 7.98 -9.80 19.93
N LYS A 139 8.07 -8.67 20.64
CA LYS A 139 7.93 -8.72 22.10
C LYS A 139 6.47 -8.89 22.51
N TYR A 140 5.58 -8.99 21.52
CA TYR A 140 4.15 -9.19 21.81
C TYR A 140 3.85 -10.66 21.58
N ARG A 141 4.88 -11.36 21.12
CA ARG A 141 4.80 -12.78 20.82
C ARG A 141 5.94 -13.55 21.52
N VAL B 1 -17.61 10.35 2.39
CA VAL B 1 -16.41 10.71 3.18
C VAL B 1 -16.20 12.19 3.44
N GLN B 2 -15.44 12.46 4.50
CA GLN B 2 -15.13 13.81 4.93
C GLN B 2 -13.98 14.42 4.13
N LEU B 3 -14.33 15.03 3.00
CA LEU B 3 -13.36 15.68 2.11
C LEU B 3 -13.76 17.13 1.85
N SER B 4 -12.86 18.07 2.12
CA SER B 4 -13.15 19.47 1.87
C SER B 4 -13.41 19.67 0.38
N GLY B 5 -13.65 20.92 0.00
CA GLY B 5 -13.90 21.27 -1.37
C GLY B 5 -12.62 21.35 -2.20
N GLU B 6 -11.48 21.59 -1.55
CA GLU B 6 -10.23 21.64 -2.29
C GLU B 6 -9.69 20.22 -2.53
N GLU B 7 -10.02 19.30 -1.61
CA GLU B 7 -9.61 17.91 -1.74
C GLU B 7 -10.41 17.22 -2.85
N LYS B 8 -11.71 17.48 -2.86
CA LYS B 8 -12.63 16.88 -3.83
C LYS B 8 -12.26 17.29 -5.24
N ALA B 9 -11.77 18.51 -5.38
CA ALA B 9 -11.37 19.03 -6.68
C ALA B 9 -10.07 18.36 -7.12
N ALA B 10 -9.15 18.17 -6.18
CA ALA B 10 -7.88 17.51 -6.52
C ALA B 10 -8.11 16.04 -6.88
N VAL B 11 -8.98 15.38 -6.11
CA VAL B 11 -9.31 13.96 -6.31
C VAL B 11 -9.95 13.78 -7.70
N LEU B 12 -10.86 14.67 -8.06
CA LEU B 12 -11.55 14.62 -9.34
C LEU B 12 -10.63 14.99 -10.53
N ALA B 13 -9.76 16.00 -10.37
CA ALA B 13 -8.85 16.40 -11.46
C ALA B 13 -7.91 15.25 -11.83
N LEU B 14 -7.53 14.43 -10.85
CA LEU B 14 -6.65 13.30 -11.13
C LEU B 14 -7.37 12.18 -11.90
N TRP B 15 -8.62 11.88 -11.53
CA TRP B 15 -9.38 10.84 -12.19
C TRP B 15 -9.61 11.14 -13.67
N ASP B 16 -9.49 12.42 -14.04
CA ASP B 16 -9.64 12.83 -15.45
C ASP B 16 -8.54 12.19 -16.27
N LYS B 17 -7.38 11.96 -15.64
CA LYS B 17 -6.19 11.41 -16.31
C LYS B 17 -5.99 9.89 -16.16
N VAL B 18 -6.84 9.23 -15.38
CA VAL B 18 -6.78 7.79 -15.13
C VAL B 18 -7.38 6.95 -16.28
N ASN B 19 -6.55 6.09 -16.88
CA ASN B 19 -6.98 5.18 -17.93
C ASN B 19 -7.43 3.97 -17.15
N GLU B 20 -8.74 3.71 -17.15
CA GLU B 20 -9.32 2.63 -16.37
C GLU B 20 -8.84 1.24 -16.74
N GLU B 21 -8.51 1.07 -18.01
CA GLU B 21 -8.04 -0.22 -18.52
C GLU B 21 -6.62 -0.55 -18.06
N GLU B 22 -5.71 0.38 -18.30
CA GLU B 22 -4.30 0.27 -17.96
C GLU B 22 -4.15 0.20 -16.42
N VAL B 23 -4.77 1.13 -15.69
CA VAL B 23 -4.69 1.11 -14.23
C VAL B 23 -5.47 -0.04 -13.60
N GLY B 24 -6.61 -0.36 -14.18
CA GLY B 24 -7.45 -1.44 -13.70
C GLY B 24 -6.79 -2.80 -13.84
N GLY B 25 -6.24 -3.09 -15.02
CA GLY B 25 -5.58 -4.36 -15.25
C GLY B 25 -4.39 -4.53 -14.32
N GLU B 26 -3.65 -3.45 -14.12
CA GLU B 26 -2.47 -3.50 -13.22
C GLU B 26 -2.81 -3.71 -11.75
N ALA B 27 -3.79 -2.99 -11.23
CA ALA B 27 -4.20 -3.11 -9.82
C ALA B 27 -4.65 -4.54 -9.52
N LEU B 28 -5.56 -5.07 -10.32
CA LEU B 28 -6.05 -6.44 -10.10
C LEU B 28 -4.92 -7.48 -10.28
N GLY B 29 -4.05 -7.26 -11.26
CA GLY B 29 -2.92 -8.14 -11.50
C GLY B 29 -2.00 -8.17 -10.30
N ARG B 30 -1.64 -7.00 -9.77
CA ARG B 30 -0.76 -6.95 -8.59
C ARG B 30 -1.42 -7.55 -7.33
N LEU B 31 -2.75 -7.48 -7.17
CA LEU B 31 -3.42 -8.03 -5.99
C LEU B 31 -3.23 -9.54 -6.01
N LEU B 32 -3.43 -10.13 -7.18
CA LEU B 32 -3.30 -11.58 -7.39
C LEU B 32 -1.88 -12.13 -7.21
N VAL B 33 -0.86 -11.34 -7.55
CA VAL B 33 0.54 -11.73 -7.42
C VAL B 33 1.03 -11.53 -5.98
N VAL B 34 0.77 -10.35 -5.43
CA VAL B 34 1.19 -9.97 -4.08
C VAL B 34 0.45 -10.66 -2.92
N TYR B 35 -0.83 -11.00 -3.14
CA TYR B 35 -1.65 -11.66 -2.13
C TYR B 35 -2.25 -12.87 -2.83
N PRO B 36 -1.47 -13.94 -2.99
CA PRO B 36 -1.85 -15.16 -3.72
C PRO B 36 -3.15 -15.84 -3.34
N TRP B 37 -3.59 -15.72 -2.10
CA TRP B 37 -4.83 -16.37 -1.72
C TRP B 37 -6.05 -15.81 -2.48
N THR B 38 -5.94 -14.60 -3.02
CA THR B 38 -7.05 -13.97 -3.72
C THR B 38 -7.30 -14.64 -5.06
N GLN B 39 -6.35 -15.44 -5.52
CA GLN B 39 -6.51 -16.15 -6.79
C GLN B 39 -7.66 -17.14 -6.71
N ARG B 40 -7.91 -17.65 -5.51
CA ARG B 40 -8.97 -18.63 -5.27
C ARG B 40 -10.30 -18.19 -5.86
N PHE B 41 -10.56 -16.90 -5.80
CA PHE B 41 -11.81 -16.33 -6.28
C PHE B 41 -11.93 -16.22 -7.80
N PHE B 42 -10.81 -16.36 -8.49
CA PHE B 42 -10.81 -16.22 -9.95
C PHE B 42 -10.24 -17.44 -10.67
N ASP B 43 -10.70 -18.64 -10.34
CA ASP B 43 -10.21 -19.85 -11.00
C ASP B 43 -10.59 -19.90 -12.48
N SER B 44 -11.82 -19.46 -12.77
CA SER B 44 -12.35 -19.46 -14.13
C SER B 44 -11.46 -18.70 -15.13
N PHE B 45 -10.62 -17.82 -14.62
CA PHE B 45 -9.73 -17.00 -15.44
C PHE B 45 -8.59 -17.80 -16.05
N GLY B 46 -8.43 -19.05 -15.64
CA GLY B 46 -7.35 -19.85 -16.20
C GLY B 46 -6.03 -19.81 -15.45
N ASP B 47 -4.94 -19.75 -16.21
CA ASP B 47 -3.59 -19.76 -15.64
C ASP B 47 -3.16 -18.47 -14.97
N LEU B 48 -2.88 -18.57 -13.67
CA LEU B 48 -2.41 -17.45 -12.84
C LEU B 48 -1.30 -17.97 -11.92
N SER B 49 -0.48 -18.85 -12.46
CA SER B 49 0.60 -19.50 -11.70
C SER B 49 1.83 -18.64 -11.46
N ASN B 50 2.08 -17.67 -12.33
CA ASN B 50 3.25 -16.80 -12.18
C ASN B 50 2.88 -15.38 -12.58
N PRO B 51 3.71 -14.40 -12.17
CA PRO B 51 3.44 -12.98 -12.47
C PRO B 51 3.31 -12.63 -13.95
N GLY B 52 3.97 -13.39 -14.81
CA GLY B 52 3.91 -13.10 -16.23
C GLY B 52 2.57 -13.49 -16.82
N ALA B 53 2.11 -14.68 -16.47
CA ALA B 53 0.82 -15.20 -16.93
C ALA B 53 -0.33 -14.31 -16.48
N VAL B 54 -0.28 -13.90 -15.22
CA VAL B 54 -1.30 -13.04 -14.63
C VAL B 54 -1.42 -11.67 -15.33
N MET B 55 -0.32 -10.93 -15.38
CA MET B 55 -0.34 -9.58 -15.96
C MET B 55 -0.74 -9.56 -17.44
N GLY B 56 -0.47 -10.65 -18.16
CA GLY B 56 -0.81 -10.70 -19.57
C GLY B 56 -2.15 -11.34 -19.87
N ASN B 57 -2.77 -11.90 -18.85
CA ASN B 57 -4.06 -12.58 -19.00
C ASN B 57 -5.18 -11.60 -19.41
N PRO B 58 -5.87 -11.86 -20.54
CA PRO B 58 -6.92 -10.96 -20.99
C PRO B 58 -8.11 -10.81 -20.05
N LYS B 59 -8.52 -11.89 -19.37
CA LYS B 59 -9.64 -11.80 -18.45
C LYS B 59 -9.30 -10.92 -17.22
N VAL B 60 -8.03 -10.93 -16.84
CA VAL B 60 -7.57 -10.13 -15.74
C VAL B 60 -7.66 -8.65 -16.13
N LYS B 61 -7.28 -8.31 -17.36
CA LYS B 61 -7.35 -6.91 -17.78
C LYS B 61 -8.79 -6.43 -17.90
N ALA B 62 -9.62 -7.26 -18.51
CA ALA B 62 -11.02 -6.93 -18.73
C ALA B 62 -11.75 -6.73 -17.42
N HIS B 63 -11.47 -7.60 -16.46
CA HIS B 63 -12.12 -7.51 -15.17
C HIS B 63 -11.62 -6.30 -14.39
N GLY B 64 -10.32 -6.05 -14.48
CA GLY B 64 -9.72 -4.90 -13.81
C GLY B 64 -10.37 -3.62 -14.29
N LYS B 65 -10.70 -3.55 -15.58
CA LYS B 65 -11.35 -2.36 -16.13
C LYS B 65 -12.71 -2.16 -15.47
N LYS B 66 -13.46 -3.25 -15.31
CA LYS B 66 -14.75 -3.22 -14.66
C LYS B 66 -14.67 -2.71 -13.22
N VAL B 67 -13.70 -3.22 -12.47
CA VAL B 67 -13.49 -2.78 -11.09
C VAL B 67 -13.21 -1.28 -10.97
N LEU B 68 -12.32 -0.79 -11.81
CA LEU B 68 -11.93 0.62 -11.80
C LEU B 68 -13.04 1.51 -12.31
N HIS B 69 -13.90 0.97 -13.18
CA HIS B 69 -15.02 1.76 -13.69
C HIS B 69 -16.01 2.00 -12.57
N SER B 70 -16.16 1.02 -11.69
CA SER B 70 -17.09 1.16 -10.56
C SER B 70 -16.47 2.04 -9.46
N PHE B 71 -15.14 2.03 -9.42
CA PHE B 71 -14.36 2.85 -8.50
C PHE B 71 -14.56 4.33 -8.91
N GLY B 72 -14.52 4.56 -10.22
CA GLY B 72 -14.71 5.89 -10.78
C GLY B 72 -16.10 6.41 -10.48
N GLU B 73 -17.08 5.51 -10.47
CA GLU B 73 -18.45 5.89 -10.13
C GLU B 73 -18.52 6.32 -8.66
N GLY B 74 -17.78 5.65 -7.81
CA GLY B 74 -17.72 6.04 -6.40
C GLY B 74 -17.09 7.43 -6.23
N VAL B 75 -16.03 7.71 -7.00
CA VAL B 75 -15.33 8.99 -6.96
C VAL B 75 -16.28 10.11 -7.32
N HIS B 76 -17.09 9.90 -8.35
CA HIS B 76 -18.04 10.92 -8.78
C HIS B 76 -19.30 10.95 -7.94
N HIS B 77 -19.37 10.07 -6.95
CA HIS B 77 -20.51 9.97 -6.05
C HIS B 77 -20.08 9.79 -4.60
N LEU B 78 -19.15 10.63 -4.16
CA LEU B 78 -18.60 10.56 -2.80
C LEU B 78 -19.60 10.89 -1.67
N ASP B 79 -20.77 11.40 -2.04
CA ASP B 79 -21.78 11.77 -1.05
C ASP B 79 -22.76 10.62 -0.79
N ASN B 80 -22.67 9.56 -1.58
CA ASN B 80 -23.59 8.45 -1.44
C ASN B 80 -22.93 7.18 -1.91
N LEU B 81 -21.81 6.84 -1.28
CA LEU B 81 -21.06 5.62 -1.62
C LEU B 81 -21.85 4.36 -1.31
N LYS B 82 -22.54 4.32 -0.18
CA LYS B 82 -23.33 3.16 0.21
C LYS B 82 -24.48 2.86 -0.76
N GLY B 83 -24.97 3.87 -1.47
CA GLY B 83 -26.04 3.64 -2.41
C GLY B 83 -25.47 3.15 -3.73
N THR B 84 -24.30 3.67 -4.07
CA THR B 84 -23.64 3.30 -5.33
C THR B 84 -23.12 1.87 -5.31
N PHE B 85 -22.70 1.40 -4.13
CA PHE B 85 -22.13 0.07 -3.97
C PHE B 85 -23.04 -0.93 -3.26
N ALA B 86 -24.31 -0.59 -3.14
CA ALA B 86 -25.29 -1.48 -2.49
C ALA B 86 -25.39 -2.87 -3.13
N ALA B 87 -25.63 -2.94 -4.44
CA ALA B 87 -25.74 -4.22 -5.14
C ALA B 87 -24.43 -4.99 -5.07
N LEU B 88 -23.32 -4.31 -5.35
CA LEU B 88 -22.00 -4.93 -5.29
C LEU B 88 -21.70 -5.50 -3.89
N SER B 89 -22.16 -4.82 -2.85
CA SER B 89 -21.92 -5.31 -1.50
C SER B 89 -22.62 -6.64 -1.25
N GLU B 90 -23.80 -6.78 -1.83
CA GLU B 90 -24.58 -8.02 -1.73
C GLU B 90 -23.89 -9.08 -2.59
N LEU B 91 -23.44 -8.72 -3.79
CA LEU B 91 -22.75 -9.68 -4.67
C LEU B 91 -21.56 -10.32 -3.95
N HIS B 92 -20.60 -9.49 -3.52
CA HIS B 92 -19.42 -9.98 -2.83
C HIS B 92 -19.70 -10.68 -1.49
N CYS B 93 -20.80 -10.34 -0.82
CA CYS B 93 -21.10 -10.93 0.47
C CYS B 93 -21.85 -12.23 0.34
N ASP B 94 -23.07 -12.12 -0.17
CA ASP B 94 -23.96 -13.27 -0.30
C ASP B 94 -23.52 -14.35 -1.27
N LYS B 95 -22.99 -13.93 -2.41
CA LYS B 95 -22.58 -14.89 -3.43
C LYS B 95 -21.10 -15.30 -3.40
N LEU B 96 -20.20 -14.33 -3.45
CA LEU B 96 -18.76 -14.62 -3.49
C LEU B 96 -18.12 -14.97 -2.15
N HIS B 97 -18.63 -14.39 -1.07
CA HIS B 97 -18.11 -14.66 0.27
C HIS B 97 -16.69 -14.14 0.46
N VAL B 98 -16.43 -12.97 -0.08
CA VAL B 98 -15.12 -12.33 0.05
C VAL B 98 -15.02 -11.65 1.41
N ASP B 99 -13.96 -11.92 2.17
CA ASP B 99 -13.81 -11.31 3.46
C ASP B 99 -13.52 -9.83 3.19
N PRO B 100 -14.21 -8.93 3.91
CA PRO B 100 -14.05 -7.48 3.69
C PRO B 100 -12.63 -6.97 3.81
N GLU B 101 -11.77 -7.73 4.47
CA GLU B 101 -10.38 -7.32 4.64
C GLU B 101 -9.71 -7.15 3.27
N ASN B 102 -10.10 -7.98 2.32
CA ASN B 102 -9.52 -7.95 0.97
C ASN B 102 -9.92 -6.70 0.18
N PHE B 103 -10.98 -6.02 0.61
CA PHE B 103 -11.41 -4.78 -0.05
C PHE B 103 -10.42 -3.67 0.29
N ARG B 104 -9.87 -3.74 1.49
CA ARG B 104 -8.88 -2.75 1.95
C ARG B 104 -7.58 -2.97 1.21
N LEU B 105 -7.25 -4.24 0.99
CA LEU B 105 -6.03 -4.61 0.27
C LEU B 105 -6.03 -4.10 -1.17
N LEU B 106 -7.12 -4.34 -1.89
CA LEU B 106 -7.22 -3.89 -3.28
C LEU B 106 -7.22 -2.35 -3.34
N GLY B 107 -7.80 -1.74 -2.31
CA GLY B 107 -7.84 -0.29 -2.20
C GLY B 107 -6.44 0.28 -2.11
N ASN B 108 -5.60 -0.36 -1.29
CA ASN B 108 -4.20 0.08 -1.13
C ASN B 108 -3.31 -0.22 -2.33
N VAL B 109 -3.61 -1.31 -3.04
CA VAL B 109 -2.87 -1.67 -4.24
C VAL B 109 -3.15 -0.61 -5.32
N LEU B 110 -4.40 -0.19 -5.43
CA LEU B 110 -4.79 0.84 -6.39
C LEU B 110 -3.97 2.11 -6.15
N VAL B 111 -3.84 2.51 -4.89
CA VAL B 111 -3.09 3.71 -4.49
C VAL B 111 -1.62 3.60 -4.91
N VAL B 112 -1.02 2.44 -4.70
CA VAL B 112 0.37 2.19 -5.11
C VAL B 112 0.52 2.29 -6.62
N VAL B 113 -0.48 1.84 -7.36
CA VAL B 113 -0.47 1.89 -8.83
C VAL B 113 -0.64 3.33 -9.31
N LEU B 114 -1.50 4.10 -8.65
CA LEU B 114 -1.71 5.51 -8.99
C LEU B 114 -0.37 6.23 -8.74
N ALA B 115 0.29 5.87 -7.64
CA ALA B 115 1.60 6.46 -7.31
C ALA B 115 2.60 6.17 -8.43
N ARG B 116 2.63 4.90 -8.84
CA ARG B 116 3.54 4.46 -9.89
C ARG B 116 3.33 5.21 -11.21
N HIS B 117 2.07 5.39 -11.58
CA HIS B 117 1.70 6.08 -12.81
C HIS B 117 1.83 7.61 -12.77
N PHE B 118 1.56 8.24 -11.63
CA PHE B 118 1.59 9.70 -11.56
C PHE B 118 2.84 10.32 -10.96
N GLY B 119 3.73 9.51 -10.41
CA GLY B 119 4.98 10.02 -9.87
C GLY B 119 4.86 11.14 -8.88
N LYS B 120 5.66 12.20 -9.09
CA LYS B 120 5.70 13.35 -8.19
C LYS B 120 4.37 14.07 -8.07
N ASP B 121 3.52 13.92 -9.08
CA ASP B 121 2.22 14.57 -9.04
C ASP B 121 1.31 13.90 -8.01
N PHE B 122 1.64 12.67 -7.59
CA PHE B 122 0.85 11.99 -6.59
C PHE B 122 1.46 12.38 -5.24
N THR B 123 1.17 13.61 -4.80
CA THR B 123 1.77 14.15 -3.59
C THR B 123 1.25 13.50 -2.32
N PRO B 124 1.97 13.69 -1.20
CA PRO B 124 1.51 13.10 0.06
C PRO B 124 0.10 13.62 0.41
N GLU B 125 -0.19 14.86 0.05
CA GLU B 125 -1.49 15.46 0.30
C GLU B 125 -2.58 14.78 -0.55
N LEU B 126 -2.30 14.57 -1.83
CA LEU B 126 -3.25 13.92 -2.72
C LEU B 126 -3.47 12.45 -2.35
N GLN B 127 -2.42 11.76 -1.93
CA GLN B 127 -2.54 10.36 -1.51
C GLN B 127 -3.44 10.28 -0.29
N ALA B 128 -3.29 11.22 0.65
CA ALA B 128 -4.10 11.21 1.86
C ALA B 128 -5.58 11.27 1.49
N SER B 129 -5.94 12.09 0.50
CA SER B 129 -7.34 12.18 0.08
C SER B 129 -7.81 10.87 -0.52
N TYR B 130 -6.95 10.25 -1.32
CA TYR B 130 -7.27 8.96 -1.95
C TYR B 130 -7.39 7.80 -0.94
N GLN B 131 -6.75 7.93 0.22
CA GLN B 131 -6.85 6.92 1.26
C GLN B 131 -8.25 7.02 1.90
N LYS B 132 -8.76 8.23 2.06
CA LYS B 132 -10.10 8.39 2.63
C LYS B 132 -11.09 7.77 1.62
N VAL B 133 -10.84 8.03 0.35
CA VAL B 133 -11.67 7.54 -0.75
C VAL B 133 -11.72 6.02 -0.83
N VAL B 134 -10.57 5.36 -0.90
CA VAL B 134 -10.55 3.91 -0.98
C VAL B 134 -11.14 3.30 0.27
N ALA B 135 -10.94 3.95 1.42
CA ALA B 135 -11.50 3.49 2.67
C ALA B 135 -13.03 3.57 2.66
N GLY B 136 -13.56 4.63 2.04
CA GLY B 136 -15.00 4.81 1.98
C GLY B 136 -15.68 3.80 1.08
N VAL B 137 -14.97 3.37 0.04
CA VAL B 137 -15.51 2.38 -0.89
C VAL B 137 -15.49 1.01 -0.21
N ALA B 138 -14.41 0.76 0.51
CA ALA B 138 -14.20 -0.49 1.23
C ALA B 138 -15.31 -0.65 2.24
N ASN B 139 -15.63 0.44 2.92
CA ASN B 139 -16.71 0.41 3.92
C ASN B 139 -18.08 0.22 3.28
N ALA B 140 -18.31 0.85 2.13
CA ALA B 140 -19.59 0.71 1.46
C ALA B 140 -19.80 -0.73 1.00
N LEU B 141 -18.71 -1.40 0.61
CA LEU B 141 -18.76 -2.78 0.15
C LEU B 141 -18.94 -3.78 1.30
N ALA B 142 -18.43 -3.43 2.49
CA ALA B 142 -18.55 -4.31 3.65
C ALA B 142 -19.93 -4.13 4.32
N HIS B 143 -20.62 -3.05 3.98
CA HIS B 143 -21.92 -2.73 4.56
C HIS B 143 -22.85 -3.94 4.74
N LYS B 144 -23.17 -4.63 3.64
CA LYS B 144 -24.07 -5.79 3.67
C LYS B 144 -23.55 -7.02 4.41
N TYR B 145 -22.42 -6.89 5.11
CA TYR B 145 -21.86 -8.02 5.84
C TYR B 145 -22.34 -8.04 7.29
N HIS B 146 -22.75 -6.88 7.79
CA HIS B 146 -23.22 -6.80 9.17
C HIS B 146 -24.68 -6.35 9.19
#